data_4DOI
#
_entry.id   4DOI
#
_cell.length_a   47.245
_cell.length_b   63.781
_cell.length_c   80.106
_cell.angle_alpha   90.000
_cell.angle_beta   96.700
_cell.angle_gamma   90.000
#
_symmetry.space_group_name_H-M   'P 1 21 1'
#
loop_
_entity.id
_entity.type
_entity.pdbx_description
1 polymer 'Chalcone--flavonone isomerase 1'
2 non-polymer 'NITRATE ION'
3 water water
#
_entity_poly.entity_id   1
_entity_poly.type   'polypeptide(L)'
_entity_poly.pdbx_seq_one_letter_code
;MSSSNACASPSPFPAVTKLHVDSVTFVPSVKSPASSNPLFLGGAGVRGLDIQGKFVIFTVIGVYLEGNAVPSLSVKWKGK
TTEELTESIPFFREIVTGAFEKFIKVTMKLPLTGQQYSEKVTENCVAIWKQLGLYTDCEAKAVEKFLEIFKEETFPPGSS
ILFALSPTGSLTVAFSKDDSIPETGIAVIENKLLAEAVLESIIGKNGVSPGTRLSVAERLSQLMMKNKDEKEVSDHSVEE
KLAKEN
;
_entity_poly.pdbx_strand_id   A,B
#
loop_
_chem_comp.id
_chem_comp.type
_chem_comp.name
_chem_comp.formula
NO3 non-polymer 'NITRATE ION' 'N O3 -1'
#
# COMPACT_ATOMS: atom_id res chain seq x y z
N ALA A 15 -7.34 21.00 -21.58
CA ALA A 15 -6.59 19.92 -20.87
C ALA A 15 -7.53 18.77 -20.47
N VAL A 16 -8.79 19.11 -20.19
CA VAL A 16 -9.76 18.08 -19.81
C VAL A 16 -10.44 17.53 -21.05
N THR A 17 -9.73 16.64 -21.72
CA THR A 17 -10.22 16.01 -22.95
C THR A 17 -10.83 14.67 -22.59
N LYS A 18 -11.55 14.08 -23.54
CA LYS A 18 -12.13 12.77 -23.32
C LYS A 18 -10.93 11.83 -23.41
N LEU A 19 -11.08 10.60 -22.94
CA LEU A 19 -10.00 9.63 -23.02
C LEU A 19 -10.48 8.29 -23.57
N HIS A 20 -9.74 7.78 -24.55
CA HIS A 20 -10.05 6.51 -25.17
C HIS A 20 -9.14 5.45 -24.53
N VAL A 21 -9.75 4.52 -23.81
CA VAL A 21 -9.01 3.45 -23.13
C VAL A 21 -9.60 2.13 -23.56
N ASP A 22 -8.76 1.28 -24.15
CA ASP A 22 -9.22 0.01 -24.67
C ASP A 22 -10.33 0.40 -25.65
N SER A 23 -11.49 -0.25 -25.59
CA SER A 23 -12.57 0.10 -26.52
C SER A 23 -13.55 1.11 -25.95
N VAL A 24 -13.30 1.54 -24.72
CA VAL A 24 -14.18 2.49 -24.03
C VAL A 24 -13.76 3.94 -24.20
N THR A 25 -14.74 4.83 -24.19
CA THR A 25 -14.46 6.26 -24.29
C THR A 25 -15.05 6.94 -23.06
N PHE A 26 -14.19 7.58 -22.27
CA PHE A 26 -14.63 8.30 -21.08
C PHE A 26 -14.81 9.77 -21.45
N VAL A 27 -16.00 10.31 -21.22
CA VAL A 27 -16.26 11.71 -21.53
C VAL A 27 -15.62 12.65 -20.52
N PRO A 28 -15.34 13.90 -20.92
CA PRO A 28 -14.72 14.93 -20.09
C PRO A 28 -15.38 15.23 -18.75
N SER A 29 -16.69 15.13 -18.70
CA SER A 29 -17.40 15.41 -17.46
C SER A 29 -18.63 14.54 -17.27
N VAL A 30 -18.94 14.22 -16.02
CA VAL A 30 -20.11 13.43 -15.70
C VAL A 30 -20.82 14.08 -14.52
N LYS A 31 -22.10 13.79 -14.40
CA LYS A 31 -22.92 14.33 -13.32
C LYS A 31 -22.97 13.26 -12.23
N SER A 32 -22.51 13.61 -11.04
CA SER A 32 -22.50 12.67 -9.92
C SER A 32 -23.90 12.15 -9.59
N PRO A 33 -24.05 10.82 -9.49
CA PRO A 33 -25.35 10.22 -9.16
C PRO A 33 -25.72 10.51 -7.70
N ALA A 34 -24.72 10.92 -6.92
CA ALA A 34 -24.93 11.21 -5.50
C ALA A 34 -25.24 12.68 -5.22
N SER A 35 -24.45 13.57 -5.82
CA SER A 35 -24.60 15.01 -5.58
C SER A 35 -25.20 15.76 -6.75
N SER A 36 -25.20 15.14 -7.92
CA SER A 36 -25.69 15.74 -9.15
C SER A 36 -24.76 16.88 -9.59
N ASN A 37 -23.59 16.98 -8.95
CA ASN A 37 -22.63 18.00 -9.34
C ASN A 37 -21.74 17.49 -10.45
N PRO A 38 -21.19 18.39 -11.29
CA PRO A 38 -20.33 17.98 -12.39
C PRO A 38 -18.94 17.63 -11.87
N LEU A 39 -18.35 16.58 -12.45
CA LEU A 39 -17.01 16.14 -12.06
C LEU A 39 -16.21 15.97 -13.34
N PHE A 40 -14.94 16.37 -13.31
CA PHE A 40 -14.10 16.26 -14.50
C PHE A 40 -13.29 14.97 -14.54
N LEU A 41 -12.98 14.53 -15.75
CA LEU A 41 -12.20 13.30 -15.95
C LEU A 41 -10.74 13.49 -15.54
N GLY A 42 -10.38 12.90 -14.41
CA GLY A 42 -9.00 13.01 -13.93
C GLY A 42 -8.04 12.08 -14.65
N GLY A 43 -8.49 10.87 -14.97
CA GLY A 43 -7.63 9.94 -15.66
C GLY A 43 -8.36 8.63 -15.88
N ALA A 44 -7.79 7.76 -16.72
CA ALA A 44 -8.41 6.48 -17.01
C ALA A 44 -7.36 5.47 -17.41
N GLY A 45 -7.66 4.19 -17.18
CA GLY A 45 -6.72 3.14 -17.52
C GLY A 45 -7.39 1.79 -17.41
N VAL A 46 -6.61 0.71 -17.47
CA VAL A 46 -7.19 -0.62 -17.38
C VAL A 46 -6.68 -1.41 -16.18
N ARG A 47 -7.43 -2.46 -15.85
CA ARG A 47 -7.06 -3.34 -14.76
C ARG A 47 -6.91 -4.68 -15.47
N GLY A 48 -5.67 -5.15 -15.55
CA GLY A 48 -5.43 -6.41 -16.22
C GLY A 48 -4.35 -7.20 -15.53
N LEU A 49 -4.19 -8.46 -15.93
CA LEU A 49 -3.18 -9.30 -15.33
C LEU A 49 -2.69 -10.34 -16.31
N ASP A 50 -1.44 -10.76 -16.12
CA ASP A 50 -0.85 -11.76 -16.99
C ASP A 50 -1.34 -13.13 -16.57
N ILE A 51 -2.10 -13.76 -17.45
CA ILE A 51 -2.62 -15.10 -17.20
C ILE A 51 -2.00 -16.03 -18.24
N GLN A 52 -1.24 -17.01 -17.77
CA GLN A 52 -0.56 -17.96 -18.63
C GLN A 52 0.08 -17.32 -19.86
N GLY A 53 0.87 -16.27 -19.61
CA GLY A 53 1.55 -15.61 -20.70
C GLY A 53 0.80 -14.51 -21.43
N LYS A 54 -0.50 -14.39 -21.20
CA LYS A 54 -1.28 -13.36 -21.88
C LYS A 54 -1.81 -12.30 -20.94
N PHE A 55 -1.71 -11.04 -21.34
CA PHE A 55 -2.19 -9.94 -20.51
C PHE A 55 -3.68 -9.84 -20.74
N VAL A 56 -4.46 -10.25 -19.74
CA VAL A 56 -5.91 -10.23 -19.84
C VAL A 56 -6.50 -9.01 -19.14
N ILE A 57 -7.29 -8.23 -19.88
CA ILE A 57 -7.92 -7.04 -19.32
C ILE A 57 -9.25 -7.41 -18.68
N PHE A 58 -9.42 -7.09 -17.40
CA PHE A 58 -10.65 -7.39 -16.69
C PHE A 58 -11.63 -6.22 -16.73
N THR A 59 -11.14 -5.03 -16.41
CA THR A 59 -11.99 -3.84 -16.41
C THR A 59 -11.27 -2.62 -16.96
N VAL A 60 -12.07 -1.62 -17.34
CA VAL A 60 -11.58 -0.36 -17.88
C VAL A 60 -12.12 0.68 -16.89
N ILE A 61 -11.22 1.44 -16.29
CA ILE A 61 -11.57 2.39 -15.25
C ILE A 61 -11.36 3.87 -15.52
N GLY A 62 -12.32 4.68 -15.09
CA GLY A 62 -12.23 6.12 -15.24
C GLY A 62 -12.41 6.77 -13.89
N VAL A 63 -11.55 7.73 -13.56
CA VAL A 63 -11.63 8.44 -12.28
C VAL A 63 -11.95 9.91 -12.52
N TYR A 64 -13.04 10.37 -11.90
CA TYR A 64 -13.48 11.77 -12.02
C TYR A 64 -13.32 12.48 -10.69
N LEU A 65 -13.01 13.77 -10.76
CA LEU A 65 -12.79 14.57 -9.56
C LEU A 65 -13.59 15.87 -9.58
N GLU A 66 -13.77 16.47 -8.40
CA GLU A 66 -14.50 17.73 -8.30
C GLU A 66 -13.54 18.83 -8.75
N GLY A 67 -14.08 19.87 -9.37
CA GLY A 67 -13.24 20.96 -9.85
C GLY A 67 -12.40 21.64 -8.79
N ASN A 68 -12.96 21.82 -7.59
CA ASN A 68 -12.24 22.49 -6.52
C ASN A 68 -11.02 21.71 -6.04
N ALA A 69 -10.87 20.48 -6.52
CA ALA A 69 -9.73 19.65 -6.13
C ALA A 69 -8.44 20.20 -6.73
N VAL A 70 -8.54 20.80 -7.91
CA VAL A 70 -7.35 21.34 -8.58
C VAL A 70 -6.70 22.47 -7.78
N PRO A 71 -7.46 23.52 -7.44
CA PRO A 71 -6.82 24.59 -6.66
C PRO A 71 -6.36 24.09 -5.28
N SER A 72 -7.09 23.11 -4.74
CA SER A 72 -6.74 22.56 -3.43
C SER A 72 -5.39 21.86 -3.50
N LEU A 73 -5.23 20.98 -4.49
CA LEU A 73 -3.98 20.25 -4.65
C LEU A 73 -2.83 21.15 -5.08
N SER A 74 -3.15 22.21 -5.81
CA SER A 74 -2.14 23.13 -6.30
C SER A 74 -1.32 23.80 -5.19
N VAL A 75 -1.96 24.05 -4.06
CA VAL A 75 -1.26 24.71 -2.95
C VAL A 75 0.09 24.05 -2.68
N LYS A 76 0.10 22.72 -2.56
CA LYS A 76 1.32 22.00 -2.28
C LYS A 76 1.99 21.33 -3.47
N TRP A 77 1.20 20.99 -4.49
CA TRP A 77 1.75 20.26 -5.64
C TRP A 77 1.92 20.95 -6.99
N LYS A 78 1.50 22.21 -7.11
CA LYS A 78 1.65 22.91 -8.38
C LYS A 78 3.12 22.95 -8.80
N GLY A 79 3.39 22.59 -10.05
CA GLY A 79 4.76 22.61 -10.55
C GLY A 79 5.41 21.24 -10.63
N LYS A 80 4.84 20.26 -9.95
CA LYS A 80 5.39 18.90 -9.97
C LYS A 80 5.17 18.28 -11.33
N THR A 81 6.14 17.49 -11.77
CA THR A 81 6.05 16.82 -13.07
C THR A 81 5.20 15.55 -12.95
N THR A 82 4.86 14.98 -14.09
CA THR A 82 4.07 13.76 -14.13
C THR A 82 4.79 12.66 -13.36
N GLU A 83 6.09 12.52 -13.61
CA GLU A 83 6.91 11.50 -12.94
C GLU A 83 6.92 11.68 -11.44
N GLU A 84 7.09 12.92 -10.98
CA GLU A 84 7.13 13.21 -9.56
C GLU A 84 5.83 12.85 -8.87
N LEU A 85 4.70 13.17 -9.52
CA LEU A 85 3.40 12.87 -8.94
C LEU A 85 3.08 11.38 -8.98
N THR A 86 3.51 10.71 -10.05
CA THR A 86 3.24 9.27 -10.18
C THR A 86 3.88 8.46 -9.06
N GLU A 87 5.11 8.82 -8.69
CA GLU A 87 5.82 8.11 -7.63
C GLU A 87 5.50 8.60 -6.22
N SER A 88 4.73 9.69 -6.14
CA SER A 88 4.39 10.28 -4.84
C SER A 88 3.24 9.63 -4.09
N ILE A 89 3.57 8.96 -2.99
CA ILE A 89 2.54 8.35 -2.17
C ILE A 89 1.68 9.45 -1.54
N PRO A 90 2.31 10.51 -1.00
CA PRO A 90 1.56 11.60 -0.37
C PRO A 90 0.57 12.30 -1.31
N PHE A 91 0.99 12.53 -2.56
CA PHE A 91 0.10 13.19 -3.51
C PHE A 91 -1.19 12.41 -3.73
N PHE A 92 -1.06 11.12 -4.02
CA PHE A 92 -2.26 10.34 -4.25
C PHE A 92 -3.06 10.09 -2.98
N ARG A 93 -2.40 10.14 -1.83
CA ARG A 93 -3.12 9.96 -0.59
C ARG A 93 -3.97 11.21 -0.37
N GLU A 94 -3.46 12.37 -0.82
CA GLU A 94 -4.19 13.62 -0.69
C GLU A 94 -5.41 13.62 -1.61
N ILE A 95 -5.29 12.98 -2.77
CA ILE A 95 -6.41 12.89 -3.70
C ILE A 95 -7.49 11.99 -3.07
N VAL A 96 -7.08 10.84 -2.59
CA VAL A 96 -7.99 9.87 -1.98
C VAL A 96 -8.72 10.40 -0.74
N THR A 97 -8.00 11.08 0.15
CA THR A 97 -8.57 11.60 1.39
C THR A 97 -9.06 13.06 1.32
N GLY A 98 -8.89 13.69 0.17
CA GLY A 98 -9.31 15.08 0.02
C GLY A 98 -10.76 15.36 0.33
N ALA A 99 -11.03 16.56 0.83
CA ALA A 99 -12.39 16.96 1.18
C ALA A 99 -13.16 17.43 -0.05
N PHE A 100 -13.23 16.57 -1.05
CA PHE A 100 -13.95 16.86 -2.28
C PHE A 100 -14.49 15.54 -2.81
N GLU A 101 -15.47 15.61 -3.69
CA GLU A 101 -16.05 14.40 -4.23
C GLU A 101 -15.19 13.75 -5.31
N LYS A 102 -15.22 12.42 -5.34
CA LYS A 102 -14.50 11.64 -6.35
C LYS A 102 -15.54 10.68 -6.92
N PHE A 103 -15.32 10.24 -8.14
CA PHE A 103 -16.25 9.33 -8.80
C PHE A 103 -15.46 8.31 -9.61
N ILE A 104 -15.88 7.05 -9.56
CA ILE A 104 -15.20 6.00 -10.29
C ILE A 104 -16.16 5.25 -11.20
N LYS A 105 -15.77 5.07 -12.45
CA LYS A 105 -16.58 4.31 -13.40
C LYS A 105 -15.75 3.08 -13.76
N VAL A 106 -16.26 1.90 -13.41
CA VAL A 106 -15.57 0.65 -13.69
C VAL A 106 -16.40 -0.11 -14.72
N THR A 107 -15.85 -0.24 -15.93
CA THR A 107 -16.57 -0.92 -16.99
C THR A 107 -15.94 -2.28 -17.28
N MET A 108 -16.77 -3.32 -17.25
CA MET A 108 -16.29 -4.68 -17.47
C MET A 108 -15.94 -5.02 -18.92
N LYS A 109 -14.83 -5.72 -19.10
CA LYS A 109 -14.43 -6.16 -20.43
C LYS A 109 -14.75 -7.65 -20.44
N LEU A 110 -14.54 -8.28 -19.29
CA LEU A 110 -14.81 -9.70 -19.11
C LEU A 110 -16.02 -9.79 -18.18
N PRO A 111 -16.80 -10.87 -18.29
CA PRO A 111 -17.97 -10.99 -17.40
C PRO A 111 -17.51 -11.28 -15.98
N LEU A 112 -18.04 -10.52 -15.02
CA LEU A 112 -17.69 -10.71 -13.61
C LEU A 112 -18.96 -10.71 -12.76
N THR A 113 -18.98 -11.57 -11.75
CA THR A 113 -20.14 -11.63 -10.85
C THR A 113 -19.91 -10.59 -9.76
N GLY A 114 -21.00 -10.12 -9.16
CA GLY A 114 -20.89 -9.13 -8.11
C GLY A 114 -20.04 -9.62 -6.95
N GLN A 115 -20.12 -10.90 -6.65
CA GLN A 115 -19.35 -11.49 -5.56
C GLN A 115 -17.87 -11.46 -5.89
N GLN A 116 -17.52 -11.89 -7.10
CA GLN A 116 -16.12 -11.90 -7.53
C GLN A 116 -15.56 -10.49 -7.44
N TYR A 117 -16.23 -9.55 -8.10
CA TYR A 117 -15.78 -8.16 -8.11
C TYR A 117 -15.66 -7.54 -6.73
N SER A 118 -16.73 -7.63 -5.93
CA SER A 118 -16.72 -7.05 -4.59
C SER A 118 -15.64 -7.65 -3.69
N GLU A 119 -15.38 -8.95 -3.82
CA GLU A 119 -14.35 -9.57 -3.00
C GLU A 119 -12.97 -9.11 -3.47
N LYS A 120 -12.85 -8.84 -4.77
CA LYS A 120 -11.59 -8.36 -5.33
C LYS A 120 -11.25 -6.96 -4.84
N VAL A 121 -12.23 -6.05 -4.91
CA VAL A 121 -12.03 -4.67 -4.47
C VAL A 121 -11.67 -4.58 -2.98
N THR A 122 -12.24 -5.48 -2.18
CA THR A 122 -11.99 -5.46 -0.73
C THR A 122 -11.03 -6.52 -0.21
N GLU A 123 -10.29 -7.19 -1.08
CA GLU A 123 -9.38 -8.24 -0.63
C GLU A 123 -8.29 -7.80 0.33
N ASN A 124 -7.90 -6.53 0.29
CA ASN A 124 -6.83 -6.07 1.18
C ASN A 124 -7.19 -5.07 2.28
N CYS A 125 -8.30 -4.36 2.16
CA CYS A 125 -8.63 -3.36 3.17
C CYS A 125 -8.67 -3.79 4.64
N VAL A 126 -9.22 -4.97 4.94
CA VAL A 126 -9.27 -5.41 6.33
C VAL A 126 -7.87 -5.57 6.92
N ALA A 127 -6.97 -6.24 6.18
CA ALA A 127 -5.61 -6.44 6.64
C ALA A 127 -4.92 -5.09 6.81
N ILE A 128 -5.19 -4.16 5.90
CA ILE A 128 -4.60 -2.83 5.95
C ILE A 128 -5.08 -2.07 7.17
N TRP A 129 -6.39 -2.09 7.43
CA TRP A 129 -6.92 -1.39 8.59
C TRP A 129 -6.37 -1.97 9.89
N LYS A 130 -6.23 -3.29 9.95
CA LYS A 130 -5.68 -3.90 11.16
C LYS A 130 -4.22 -3.49 11.32
N GLN A 131 -3.50 -3.41 10.20
CA GLN A 131 -2.10 -3.01 10.22
C GLN A 131 -1.96 -1.61 10.80
N LEU A 132 -2.91 -0.74 10.49
CA LEU A 132 -2.87 0.64 10.95
C LEU A 132 -3.58 0.87 12.30
N GLY A 133 -4.17 -0.19 12.85
CA GLY A 133 -4.88 -0.09 14.12
C GLY A 133 -6.17 0.71 13.99
N LEU A 134 -6.78 0.65 12.81
CA LEU A 134 -8.00 1.39 12.52
C LEU A 134 -9.24 0.54 12.28
N TYR A 135 -9.12 -0.77 12.41
CA TYR A 135 -10.25 -1.67 12.18
C TYR A 135 -11.22 -1.73 13.35
N THR A 136 -12.42 -1.22 13.16
CA THR A 136 -13.43 -1.24 14.20
C THR A 136 -14.70 -1.92 13.66
N ASP A 137 -15.71 -2.06 14.51
CA ASP A 137 -16.94 -2.70 14.08
C ASP A 137 -17.61 -1.94 12.96
N CYS A 138 -17.41 -0.62 12.92
CA CYS A 138 -17.99 0.22 11.88
C CYS A 138 -17.51 -0.23 10.51
N GLU A 139 -16.21 -0.53 10.41
CA GLU A 139 -15.66 -0.98 9.14
C GLU A 139 -16.13 -2.38 8.81
N ALA A 140 -16.26 -3.22 9.83
CA ALA A 140 -16.72 -4.59 9.62
C ALA A 140 -18.12 -4.55 9.02
N LYS A 141 -18.97 -3.71 9.60
CA LYS A 141 -20.34 -3.57 9.12
C LYS A 141 -20.37 -3.00 7.71
N ALA A 142 -19.47 -2.05 7.44
CA ALA A 142 -19.39 -1.42 6.13
C ALA A 142 -19.04 -2.44 5.04
N VAL A 143 -18.08 -3.32 5.33
CA VAL A 143 -17.68 -4.33 4.37
C VAL A 143 -18.82 -5.31 4.13
N GLU A 144 -19.50 -5.69 5.22
CA GLU A 144 -20.62 -6.61 5.12
C GLU A 144 -21.69 -6.03 4.21
N LYS A 145 -22.00 -4.74 4.42
CA LYS A 145 -23.01 -4.06 3.61
C LYS A 145 -22.58 -4.00 2.15
N PHE A 146 -21.31 -3.68 1.94
CA PHE A 146 -20.74 -3.59 0.59
C PHE A 146 -20.95 -4.92 -0.13
N LEU A 147 -20.55 -6.01 0.51
CA LEU A 147 -20.70 -7.33 -0.08
C LEU A 147 -22.16 -7.70 -0.36
N GLU A 148 -23.07 -7.31 0.53
CA GLU A 148 -24.48 -7.61 0.34
C GLU A 148 -25.05 -6.87 -0.88
N ILE A 149 -24.60 -5.64 -1.09
CA ILE A 149 -25.05 -4.86 -2.22
C ILE A 149 -24.68 -5.53 -3.54
N PHE A 150 -23.50 -6.12 -3.60
CA PHE A 150 -23.02 -6.79 -4.82
C PHE A 150 -23.33 -8.28 -4.90
N LYS A 151 -23.69 -8.88 -3.76
CA LYS A 151 -23.95 -10.31 -3.66
C LYS A 151 -24.69 -11.00 -4.81
N GLU A 152 -25.84 -10.47 -5.22
CA GLU A 152 -26.62 -11.10 -6.28
C GLU A 152 -26.52 -10.44 -7.64
N GLU A 153 -25.54 -9.56 -7.82
CA GLU A 153 -25.38 -8.87 -9.09
C GLU A 153 -24.50 -9.63 -10.08
N THR A 154 -24.71 -9.37 -11.36
CA THR A 154 -23.95 -9.99 -12.44
C THR A 154 -23.57 -8.86 -13.40
N PHE A 155 -22.33 -8.86 -13.87
CA PHE A 155 -21.89 -7.80 -14.77
C PHE A 155 -21.30 -8.30 -16.09
N PRO A 156 -22.11 -8.27 -17.16
CA PRO A 156 -21.63 -8.73 -18.47
C PRO A 156 -20.71 -7.67 -19.09
N PRO A 157 -19.94 -8.06 -20.12
CA PRO A 157 -19.04 -7.08 -20.74
C PRO A 157 -19.82 -5.84 -21.17
N GLY A 158 -19.26 -4.67 -20.88
CA GLY A 158 -19.94 -3.44 -21.26
C GLY A 158 -20.71 -2.77 -20.12
N SER A 159 -21.12 -3.57 -19.13
CA SER A 159 -21.85 -3.00 -18.00
C SER A 159 -20.86 -2.24 -17.13
N SER A 160 -21.37 -1.38 -16.25
CA SER A 160 -20.50 -0.58 -15.41
C SER A 160 -20.92 -0.53 -13.95
N ILE A 161 -19.93 -0.32 -13.10
CA ILE A 161 -20.13 -0.19 -11.66
C ILE A 161 -19.66 1.23 -11.36
N LEU A 162 -20.54 2.02 -10.73
CA LEU A 162 -20.23 3.41 -10.42
C LEU A 162 -20.12 3.67 -8.93
N PHE A 163 -19.04 4.36 -8.54
CA PHE A 163 -18.81 4.70 -7.15
C PHE A 163 -18.65 6.21 -6.98
N ALA A 164 -19.39 6.80 -6.06
CA ALA A 164 -19.26 8.23 -5.78
C ALA A 164 -18.77 8.32 -4.33
N LEU A 165 -17.69 9.06 -4.12
CA LEU A 165 -17.12 9.24 -2.78
C LEU A 165 -17.38 10.68 -2.36
N SER A 166 -18.19 10.87 -1.33
CA SER A 166 -18.52 12.22 -0.89
C SER A 166 -17.33 12.87 -0.18
N PRO A 167 -17.36 14.21 -0.07
CA PRO A 167 -16.29 14.96 0.60
C PRO A 167 -16.04 14.50 2.03
N THR A 168 -17.07 13.94 2.67
CA THR A 168 -16.96 13.48 4.04
C THR A 168 -16.71 11.98 4.19
N GLY A 169 -16.72 11.25 3.08
CA GLY A 169 -16.45 9.83 3.16
C GLY A 169 -17.60 8.85 2.94
N SER A 170 -18.72 9.31 2.39
CA SER A 170 -19.83 8.41 2.13
C SER A 170 -19.67 7.82 0.74
N LEU A 171 -19.86 6.51 0.63
CA LEU A 171 -19.72 5.81 -0.64
C LEU A 171 -21.08 5.46 -1.25
N THR A 172 -21.37 6.03 -2.40
CA THR A 172 -22.61 5.75 -3.10
C THR A 172 -22.30 4.74 -4.21
N VAL A 173 -23.08 3.66 -4.25
CA VAL A 173 -22.90 2.61 -5.25
C VAL A 173 -24.04 2.64 -6.26
N ALA A 174 -23.72 2.49 -7.54
CA ALA A 174 -24.73 2.48 -8.60
C ALA A 174 -24.26 1.57 -9.73
N PHE A 175 -25.20 1.12 -10.56
CA PHE A 175 -24.87 0.25 -11.68
C PHE A 175 -25.45 0.80 -12.97
N SER A 176 -24.90 0.37 -14.10
CA SER A 176 -25.39 0.78 -15.40
C SER A 176 -25.16 -0.35 -16.40
N LYS A 177 -26.07 -0.48 -17.36
CA LYS A 177 -25.97 -1.52 -18.38
C LYS A 177 -24.94 -1.14 -19.44
N ASP A 178 -24.55 0.12 -19.48
CA ASP A 178 -23.58 0.61 -20.46
C ASP A 178 -22.70 1.71 -19.88
N ASP A 179 -22.44 2.75 -20.69
CA ASP A 179 -21.61 3.85 -20.23
C ASP A 179 -22.41 5.01 -19.63
N SER A 180 -23.73 4.93 -19.68
CA SER A 180 -24.57 5.99 -19.14
C SER A 180 -24.47 6.05 -17.62
N ILE A 181 -24.61 7.26 -17.08
CA ILE A 181 -24.54 7.48 -15.64
C ILE A 181 -25.95 7.74 -15.12
N PRO A 182 -26.43 6.94 -14.15
CA PRO A 182 -27.76 7.14 -13.61
C PRO A 182 -27.88 8.46 -12.84
N GLU A 183 -29.10 8.96 -12.72
CA GLU A 183 -29.34 10.23 -12.02
C GLU A 183 -29.30 10.08 -10.51
N THR A 184 -29.31 8.84 -10.03
CA THR A 184 -29.28 8.58 -8.59
C THR A 184 -28.62 7.22 -8.34
N GLY A 185 -28.13 7.01 -7.12
CA GLY A 185 -27.48 5.76 -6.81
C GLY A 185 -28.43 4.71 -6.26
N ILE A 186 -27.88 3.54 -5.92
CA ILE A 186 -28.66 2.45 -5.35
C ILE A 186 -28.64 2.53 -3.83
N ALA A 187 -27.43 2.48 -3.28
CA ALA A 187 -27.25 2.53 -1.83
C ALA A 187 -26.04 3.36 -1.43
N VAL A 188 -26.03 3.78 -0.17
CA VAL A 188 -24.94 4.58 0.37
C VAL A 188 -24.36 3.90 1.62
N ILE A 189 -23.02 3.81 1.66
CA ILE A 189 -22.35 3.23 2.82
C ILE A 189 -21.62 4.38 3.50
N GLU A 190 -22.07 4.71 4.71
CA GLU A 190 -21.47 5.80 5.46
C GLU A 190 -20.26 5.39 6.28
N ASN A 191 -19.16 5.17 5.57
CA ASN A 191 -17.90 4.77 6.19
C ASN A 191 -16.73 5.31 5.37
N LYS A 192 -16.03 6.29 5.93
CA LYS A 192 -14.92 6.95 5.28
C LYS A 192 -13.80 6.00 4.85
N LEU A 193 -13.41 5.10 5.74
CA LEU A 193 -12.33 4.17 5.41
C LEU A 193 -12.68 3.27 4.22
N LEU A 194 -13.89 2.74 4.18
CA LEU A 194 -14.25 1.89 3.06
C LEU A 194 -14.32 2.70 1.78
N ALA A 195 -14.89 3.89 1.85
CA ALA A 195 -15.00 4.76 0.69
C ALA A 195 -13.62 5.01 0.09
N GLU A 196 -12.69 5.42 0.92
CA GLU A 196 -11.33 5.69 0.47
C GLU A 196 -10.64 4.43 -0.05
N ALA A 197 -10.93 3.29 0.58
CA ALA A 197 -10.32 2.03 0.18
C ALA A 197 -10.67 1.66 -1.25
N VAL A 198 -11.90 1.94 -1.65
CA VAL A 198 -12.31 1.61 -3.01
C VAL A 198 -11.45 2.35 -4.03
N LEU A 199 -11.21 3.64 -3.83
CA LEU A 199 -10.39 4.40 -4.76
C LEU A 199 -8.91 4.02 -4.64
N GLU A 200 -8.47 3.81 -3.40
CA GLU A 200 -7.09 3.42 -3.12
C GLU A 200 -6.76 2.12 -3.84
N SER A 201 -7.73 1.21 -3.91
CA SER A 201 -7.52 -0.09 -4.56
C SER A 201 -7.21 0.05 -6.04
N ILE A 202 -7.49 1.22 -6.60
CA ILE A 202 -7.25 1.46 -8.01
C ILE A 202 -6.01 2.32 -8.26
N ILE A 203 -5.94 3.49 -7.62
CA ILE A 203 -4.81 4.40 -7.85
C ILE A 203 -3.80 4.53 -6.72
N GLY A 204 -4.00 3.80 -5.63
CA GLY A 204 -3.06 3.88 -4.52
C GLY A 204 -1.79 3.10 -4.80
N LYS A 205 -0.85 3.15 -3.85
CA LYS A 205 0.43 2.45 -4.00
C LYS A 205 0.22 0.96 -4.27
N ASN A 206 -0.77 0.39 -3.61
CA ASN A 206 -1.08 -1.03 -3.76
C ASN A 206 -2.25 -1.21 -4.71
N GLY A 207 -2.49 -0.20 -5.54
CA GLY A 207 -3.58 -0.25 -6.49
C GLY A 207 -3.41 -1.28 -7.59
N VAL A 208 -4.49 -1.54 -8.32
CA VAL A 208 -4.48 -2.54 -9.38
C VAL A 208 -4.32 -1.97 -10.80
N SER A 209 -4.28 -0.64 -10.94
CA SER A 209 -4.15 -0.05 -12.26
C SER A 209 -3.06 1.01 -12.40
N PRO A 210 -1.84 0.60 -12.78
CA PRO A 210 -0.74 1.56 -12.94
C PRO A 210 -1.12 2.61 -13.99
N GLY A 211 -1.84 2.17 -15.01
CA GLY A 211 -2.27 3.07 -16.07
C GLY A 211 -3.17 4.19 -15.61
N THR A 212 -4.12 3.88 -14.74
CA THR A 212 -5.03 4.91 -14.25
C THR A 212 -4.28 5.90 -13.36
N ARG A 213 -3.37 5.39 -12.51
CA ARG A 213 -2.61 6.27 -11.63
C ARG A 213 -1.77 7.23 -12.48
N LEU A 214 -1.10 6.70 -13.50
CA LEU A 214 -0.25 7.51 -14.37
C LEU A 214 -1.07 8.59 -15.08
N SER A 215 -2.22 8.18 -15.60
CA SER A 215 -3.10 9.10 -16.32
C SER A 215 -3.53 10.27 -15.44
N VAL A 216 -3.91 9.97 -14.20
CA VAL A 216 -4.32 11.01 -13.26
C VAL A 216 -3.13 11.94 -12.98
N ALA A 217 -1.96 11.36 -12.79
CA ALA A 217 -0.76 12.15 -12.52
C ALA A 217 -0.46 13.10 -13.66
N GLU A 218 -0.48 12.57 -14.88
CA GLU A 218 -0.20 13.37 -16.07
C GLU A 218 -1.17 14.53 -16.24
N ARG A 219 -2.46 14.25 -16.14
CA ARG A 219 -3.46 15.29 -16.31
C ARG A 219 -3.48 16.32 -15.19
N LEU A 220 -3.33 15.89 -13.94
CA LEU A 220 -3.33 16.86 -12.84
C LEU A 220 -2.08 17.72 -12.87
N SER A 221 -0.95 17.16 -13.30
CA SER A 221 0.28 17.92 -13.38
C SER A 221 0.06 19.12 -14.31
N GLN A 222 -0.61 18.88 -15.43
CA GLN A 222 -0.89 19.93 -16.40
C GLN A 222 -1.93 20.92 -15.88
N LEU A 223 -3.00 20.41 -15.28
CA LEU A 223 -4.06 21.27 -14.77
C LEU A 223 -3.64 22.21 -13.65
N MET A 224 -2.77 21.74 -12.75
CA MET A 224 -2.33 22.59 -11.65
C MET A 224 -1.47 23.76 -12.10
N MET A 225 -0.84 23.62 -13.27
CA MET A 225 -0.02 24.70 -13.79
C MET A 225 -0.86 25.68 -14.62
N LYS A 226 -2.12 25.33 -14.82
CA LYS A 226 -3.07 26.15 -15.58
C LYS A 226 -4.01 26.88 -14.63
N ASN A 227 -4.86 26.10 -13.98
CA ASN A 227 -5.85 26.58 -13.02
C ASN A 227 -6.02 28.09 -12.90
N LYS A 228 -5.08 28.73 -12.23
CA LYS A 228 -5.10 30.17 -11.99
C LYS A 228 -6.12 30.95 -12.80
N ASP A 229 -5.73 31.36 -14.00
CA ASP A 229 -6.59 32.15 -14.85
C ASP A 229 -7.31 31.41 -15.97
N GLU A 230 -7.13 30.09 -16.05
CA GLU A 230 -7.80 29.31 -17.07
C GLU A 230 -9.08 28.71 -16.50
N LYS A 231 -9.01 28.32 -15.23
CA LYS A 231 -10.16 27.76 -14.52
C LYS A 231 -11.04 26.91 -15.43
N GLU A 232 -10.47 25.82 -15.95
CA GLU A 232 -11.17 24.91 -16.85
C GLU A 232 -12.10 23.94 -16.13
N VAL A 233 -11.98 23.87 -14.81
CA VAL A 233 -12.81 22.97 -14.01
C VAL A 233 -13.94 23.69 -13.28
N SER A 234 -14.26 24.90 -13.72
CA SER A 234 -15.33 25.67 -13.08
C SER A 234 -16.69 25.03 -13.37
N ASP A 235 -17.70 25.45 -12.61
CA ASP A 235 -19.08 24.95 -12.71
C ASP A 235 -19.25 23.67 -11.89
N ALA B 15 19.07 3.01 26.93
CA ALA B 15 18.98 1.56 26.57
C ALA B 15 17.53 1.11 26.55
N VAL B 16 17.20 0.21 25.63
CA VAL B 16 15.85 -0.31 25.49
C VAL B 16 15.78 -1.70 26.12
N THR B 17 14.56 -2.19 26.34
CA THR B 17 14.37 -3.50 26.94
C THR B 17 14.36 -4.62 25.91
N LYS B 18 14.57 -5.84 26.39
CA LYS B 18 14.50 -7.00 25.52
C LYS B 18 13.00 -7.22 25.32
N LEU B 19 12.63 -8.05 24.35
CA LEU B 19 11.23 -8.34 24.12
C LEU B 19 11.00 -9.84 24.00
N HIS B 20 10.00 -10.33 24.72
CA HIS B 20 9.62 -11.73 24.66
C HIS B 20 8.40 -11.77 23.75
N VAL B 21 8.52 -12.45 22.62
CA VAL B 21 7.44 -12.58 21.64
C VAL B 21 7.28 -14.06 21.34
N ASP B 22 6.08 -14.59 21.60
CA ASP B 22 5.82 -16.01 21.43
C ASP B 22 6.87 -16.72 22.29
N SER B 23 7.63 -17.66 21.73
CA SER B 23 8.64 -18.37 22.53
C SER B 23 10.05 -17.82 22.34
N VAL B 24 10.17 -16.74 21.57
CA VAL B 24 11.45 -16.14 21.29
C VAL B 24 11.75 -14.92 22.17
N THR B 25 13.04 -14.68 22.41
CA THR B 25 13.43 -13.51 23.17
C THR B 25 14.41 -12.73 22.32
N PHE B 26 14.07 -11.48 22.04
CA PHE B 26 14.93 -10.60 21.24
C PHE B 26 15.72 -9.72 22.20
N VAL B 27 17.05 -9.76 22.10
CA VAL B 27 17.89 -8.96 22.98
C VAL B 27 17.84 -7.50 22.56
N PRO B 28 18.15 -6.58 23.49
CA PRO B 28 18.15 -5.12 23.26
C PRO B 28 19.03 -4.57 22.16
N SER B 29 20.15 -5.23 21.90
CA SER B 29 21.08 -4.75 20.89
C SER B 29 21.76 -5.90 20.16
N VAL B 30 22.00 -5.70 18.86
CA VAL B 30 22.69 -6.70 18.07
C VAL B 30 23.74 -5.99 17.22
N LYS B 31 24.76 -6.75 16.82
CA LYS B 31 25.83 -6.24 15.99
C LYS B 31 25.49 -6.61 14.55
N SER B 32 25.34 -5.60 13.70
CA SER B 32 25.01 -5.85 12.31
C SER B 32 26.04 -6.72 11.61
N PRO B 33 25.59 -7.75 10.88
CA PRO B 33 26.52 -8.64 10.17
C PRO B 33 27.13 -7.91 8.98
N ALA B 34 26.51 -6.79 8.59
CA ALA B 34 26.99 -6.02 7.45
C ALA B 34 27.97 -4.92 7.84
N SER B 35 27.59 -4.13 8.84
CA SER B 35 28.41 -3.00 9.27
C SER B 35 29.19 -3.22 10.56
N SER B 36 28.83 -4.26 11.31
CA SER B 36 29.46 -4.56 12.59
C SER B 36 29.14 -3.47 13.62
N ASN B 37 28.16 -2.63 13.31
CA ASN B 37 27.73 -1.55 14.21
C ASN B 37 26.55 -2.04 15.04
N PRO B 38 26.38 -1.49 16.26
CA PRO B 38 25.28 -1.89 17.14
C PRO B 38 23.96 -1.25 16.71
N LEU B 39 22.88 -2.01 16.82
CA LEU B 39 21.55 -1.54 16.47
C LEU B 39 20.63 -1.92 17.63
N PHE B 40 19.71 -1.03 17.97
CA PHE B 40 18.80 -1.31 19.09
C PHE B 40 17.48 -1.92 18.65
N LEU B 41 16.86 -2.65 19.57
CA LEU B 41 15.58 -3.30 19.29
C LEU B 41 14.43 -2.30 19.17
N GLY B 42 13.98 -2.06 17.94
CA GLY B 42 12.89 -1.12 17.72
C GLY B 42 11.54 -1.69 18.07
N GLY B 43 11.32 -2.96 17.75
CA GLY B 43 10.06 -3.60 18.06
C GLY B 43 10.04 -5.04 17.58
N ALA B 44 9.07 -5.82 18.02
CA ALA B 44 8.99 -7.22 17.63
C ALA B 44 7.54 -7.71 17.66
N GLY B 45 7.26 -8.72 16.85
CA GLY B 45 5.92 -9.26 16.78
C GLY B 45 5.90 -10.55 16.01
N VAL B 46 4.71 -11.02 15.64
CA VAL B 46 4.61 -12.27 14.89
C VAL B 46 3.94 -12.08 13.54
N ARG B 47 4.14 -13.07 12.68
CA ARG B 47 3.51 -13.08 11.37
C ARG B 47 2.67 -14.34 11.42
N GLY B 48 1.36 -14.15 11.42
CA GLY B 48 0.46 -15.28 11.50
C GLY B 48 -0.75 -15.11 10.61
N LEU B 49 -1.46 -16.21 10.37
CA LEU B 49 -2.64 -16.20 9.53
C LEU B 49 -3.72 -17.08 10.15
N ASP B 50 -4.97 -16.67 9.96
CA ASP B 50 -6.08 -17.47 10.47
C ASP B 50 -6.26 -18.62 9.49
N ILE B 51 -6.16 -19.84 10.00
CA ILE B 51 -6.33 -21.01 9.15
C ILE B 51 -7.45 -21.87 9.74
N GLN B 52 -8.59 -21.82 9.08
CA GLN B 52 -9.76 -22.59 9.51
C GLN B 52 -10.16 -22.27 10.94
N GLY B 53 -10.19 -20.98 11.27
CA GLY B 53 -10.57 -20.56 12.60
C GLY B 53 -9.47 -20.60 13.65
N LYS B 54 -8.28 -21.05 13.27
CA LYS B 54 -7.16 -21.13 14.19
C LYS B 54 -6.04 -20.19 13.78
N PHE B 55 -5.56 -19.37 14.71
CA PHE B 55 -4.48 -18.46 14.38
C PHE B 55 -3.19 -19.24 14.40
N VAL B 56 -2.52 -19.27 13.26
CA VAL B 56 -1.27 -20.01 13.13
C VAL B 56 -0.11 -19.05 12.92
N ILE B 57 0.87 -19.14 13.82
CA ILE B 57 2.06 -18.28 13.74
C ILE B 57 3.10 -18.96 12.85
N PHE B 58 3.56 -18.22 11.83
CA PHE B 58 4.55 -18.71 10.89
C PHE B 58 5.96 -18.30 11.33
N THR B 59 6.12 -17.01 11.63
CA THR B 59 7.41 -16.49 12.04
C THR B 59 7.29 -15.48 13.17
N VAL B 60 8.41 -15.23 13.84
CA VAL B 60 8.49 -14.28 14.92
C VAL B 60 9.57 -13.31 14.46
N ILE B 61 9.23 -12.02 14.42
CA ILE B 61 10.11 -11.00 13.88
C ILE B 61 10.57 -9.88 14.80
N GLY B 62 11.84 -9.53 14.68
CA GLY B 62 12.42 -8.45 15.46
C GLY B 62 13.01 -7.41 14.52
N VAL B 63 12.69 -6.14 14.74
CA VAL B 63 13.23 -5.06 13.91
C VAL B 63 14.17 -4.19 14.74
N TYR B 64 15.41 -4.06 14.26
CA TYR B 64 16.43 -3.27 14.94
C TYR B 64 16.75 -2.02 14.12
N LEU B 65 17.04 -0.92 14.81
CA LEU B 65 17.31 0.35 14.16
C LEU B 65 18.57 1.03 14.69
N GLU B 66 19.01 2.06 14.00
CA GLU B 66 20.20 2.82 14.40
C GLU B 66 19.83 3.82 15.50
N GLY B 67 20.67 3.92 16.52
CA GLY B 67 20.39 4.86 17.58
C GLY B 67 20.24 6.25 17.01
N ASN B 68 21.06 6.58 16.01
CA ASN B 68 21.02 7.90 15.40
C ASN B 68 19.69 8.21 14.73
N ALA B 69 18.88 7.17 14.50
CA ALA B 69 17.59 7.38 13.87
C ALA B 69 16.59 8.04 14.81
N VAL B 70 16.77 7.84 16.12
CA VAL B 70 15.84 8.41 17.09
C VAL B 70 15.86 9.94 17.07
N PRO B 71 17.04 10.56 17.18
CA PRO B 71 17.01 12.04 17.15
C PRO B 71 16.51 12.56 15.81
N SER B 72 16.77 11.79 14.75
CA SER B 72 16.33 12.19 13.41
C SER B 72 14.80 12.17 13.31
N LEU B 73 14.19 11.09 13.79
CA LEU B 73 12.72 10.96 13.76
C LEU B 73 12.05 11.95 14.71
N SER B 74 12.71 12.25 15.82
CA SER B 74 12.17 13.15 16.83
C SER B 74 11.87 14.55 16.29
N VAL B 75 12.68 14.99 15.34
CA VAL B 75 12.51 16.31 14.74
C VAL B 75 11.07 16.58 14.30
N LYS B 76 10.46 15.61 13.63
CA LYS B 76 9.10 15.76 13.14
C LYS B 76 8.04 14.98 13.90
N TRP B 77 8.44 13.94 14.62
CA TRP B 77 7.46 13.09 15.30
C TRP B 77 7.42 13.05 16.83
N LYS B 78 8.34 13.73 17.50
CA LYS B 78 8.35 13.71 18.97
C LYS B 78 7.01 14.20 19.50
N GLY B 79 6.46 13.47 20.47
CA GLY B 79 5.19 13.85 21.05
C GLY B 79 4.00 13.05 20.55
N LYS B 80 4.16 12.39 19.41
CA LYS B 80 3.08 11.58 18.86
C LYS B 80 2.88 10.35 19.74
N THR B 81 1.63 9.96 19.92
CA THR B 81 1.29 8.80 20.73
C THR B 81 1.48 7.51 19.93
N THR B 82 1.40 6.38 20.63
CA THR B 82 1.53 5.07 19.99
C THR B 82 0.50 4.94 18.88
N GLU B 83 -0.75 5.30 19.18
CA GLU B 83 -1.83 5.21 18.20
C GLU B 83 -1.60 6.09 16.98
N GLU B 84 -1.15 7.32 17.21
CA GLU B 84 -0.88 8.24 16.12
C GLU B 84 0.22 7.72 15.20
N LEU B 85 1.27 7.18 15.79
CA LEU B 85 2.37 6.65 14.99
C LEU B 85 1.98 5.37 14.26
N THR B 86 1.17 4.54 14.90
CA THR B 86 0.74 3.28 14.28
C THR B 86 -0.09 3.53 13.02
N GLU B 87 -0.94 4.55 13.05
CA GLU B 87 -1.79 4.88 11.90
C GLU B 87 -1.08 5.70 10.83
N SER B 88 0.09 6.24 11.17
CA SER B 88 0.81 7.10 10.23
C SER B 88 1.62 6.42 9.14
N ILE B 89 1.19 6.59 7.90
CA ILE B 89 1.90 6.03 6.76
C ILE B 89 3.25 6.75 6.64
N PRO B 90 3.25 8.11 6.70
CA PRO B 90 4.49 8.87 6.59
C PRO B 90 5.57 8.51 7.61
N PHE B 91 5.18 8.30 8.86
CA PHE B 91 6.14 7.97 9.92
C PHE B 91 6.89 6.70 9.60
N PHE B 92 6.15 5.63 9.28
CA PHE B 92 6.81 4.39 8.97
C PHE B 92 7.55 4.44 7.64
N ARG B 93 7.11 5.29 6.72
CA ARG B 93 7.83 5.41 5.46
C ARG B 93 9.17 6.08 5.75
N GLU B 94 9.17 7.01 6.70
CA GLU B 94 10.41 7.70 7.06
C GLU B 94 11.40 6.72 7.71
N ILE B 95 10.87 5.79 8.50
CA ILE B 95 11.71 4.79 9.15
C ILE B 95 12.34 3.89 8.07
N VAL B 96 11.51 3.41 7.16
CA VAL B 96 11.95 2.52 6.09
C VAL B 96 12.94 3.12 5.09
N THR B 97 12.71 4.37 4.70
CA THR B 97 13.58 5.03 3.72
C THR B 97 14.71 5.88 4.29
N GLY B 98 14.73 6.06 5.61
CA GLY B 98 15.77 6.86 6.23
C GLY B 98 17.19 6.43 5.92
N ALA B 99 18.10 7.39 5.91
CA ALA B 99 19.50 7.12 5.62
C ALA B 99 20.20 6.61 6.87
N PHE B 100 19.72 5.48 7.36
CA PHE B 100 20.26 4.83 8.54
C PHE B 100 20.13 3.33 8.30
N GLU B 101 20.90 2.55 9.05
CA GLU B 101 20.83 1.10 8.89
C GLU B 101 19.65 0.52 9.66
N LYS B 102 19.08 -0.55 9.11
CA LYS B 102 18.00 -1.25 9.78
C LYS B 102 18.39 -2.73 9.71
N PHE B 103 17.85 -3.53 10.62
CA PHE B 103 18.16 -4.95 10.64
C PHE B 103 16.90 -5.70 11.02
N ILE B 104 16.67 -6.84 10.36
CA ILE B 104 15.48 -7.64 10.64
C ILE B 104 15.88 -9.08 10.97
N LYS B 105 15.32 -9.61 12.05
CA LYS B 105 15.58 -11.00 12.43
C LYS B 105 14.23 -11.71 12.31
N VAL B 106 14.16 -12.66 11.38
CA VAL B 106 12.94 -13.43 11.17
C VAL B 106 13.23 -14.85 11.63
N THR B 107 12.58 -15.25 12.72
CA THR B 107 12.80 -16.58 13.28
C THR B 107 11.58 -17.45 13.00
N MET B 108 11.83 -18.62 12.43
CA MET B 108 10.75 -19.54 12.06
C MET B 108 10.11 -20.27 13.23
N LYS B 109 8.78 -20.35 13.21
CA LYS B 109 8.06 -21.09 14.24
C LYS B 109 7.67 -22.38 13.50
N LEU B 110 7.17 -22.21 12.28
CA LEU B 110 6.82 -23.34 11.44
C LEU B 110 8.01 -23.55 10.51
N PRO B 111 8.22 -24.78 10.03
CA PRO B 111 9.35 -24.97 9.13
C PRO B 111 8.98 -24.33 7.80
N LEU B 112 9.94 -23.66 7.16
CA LEU B 112 9.67 -23.02 5.88
C LEU B 112 10.82 -23.23 4.90
N THR B 113 10.50 -23.42 3.63
CA THR B 113 11.54 -23.58 2.64
C THR B 113 11.92 -22.17 2.19
N GLY B 114 13.18 -22.00 1.79
CA GLY B 114 13.63 -20.69 1.33
C GLY B 114 12.81 -20.25 0.14
N GLN B 115 12.41 -21.19 -0.70
CA GLN B 115 11.64 -20.88 -1.89
C GLN B 115 10.31 -20.22 -1.54
N GLN B 116 9.53 -20.84 -0.66
CA GLN B 116 8.24 -20.27 -0.30
C GLN B 116 8.37 -18.99 0.50
N TYR B 117 9.38 -18.92 1.38
CA TYR B 117 9.57 -17.73 2.18
C TYR B 117 9.93 -16.54 1.31
N SER B 118 10.92 -16.71 0.43
CA SER B 118 11.36 -15.63 -0.44
C SER B 118 10.25 -15.15 -1.38
N GLU B 119 9.43 -16.07 -1.87
CA GLU B 119 8.35 -15.70 -2.75
C GLU B 119 7.27 -14.94 -1.98
N LYS B 120 7.11 -15.29 -0.70
CA LYS B 120 6.14 -14.64 0.18
C LYS B 120 6.55 -13.18 0.43
N VAL B 121 7.81 -12.99 0.81
CA VAL B 121 8.34 -11.68 1.09
C VAL B 121 8.23 -10.75 -0.12
N THR B 122 8.43 -11.31 -1.31
CA THR B 122 8.39 -10.51 -2.55
C THR B 122 7.13 -10.64 -3.39
N GLU B 123 6.05 -11.13 -2.79
CA GLU B 123 4.83 -11.31 -3.57
C GLU B 123 4.12 -10.05 -4.07
N ASN B 124 4.39 -8.90 -3.46
CA ASN B 124 3.73 -7.67 -3.92
C ASN B 124 4.63 -6.53 -4.39
N CYS B 125 5.94 -6.61 -4.17
CA CYS B 125 6.79 -5.50 -4.56
C CYS B 125 6.82 -5.13 -6.05
N VAL B 126 6.79 -6.11 -6.95
CA VAL B 126 6.80 -5.78 -8.38
C VAL B 126 5.56 -4.99 -8.78
N ALA B 127 4.38 -5.44 -8.34
CA ALA B 127 3.15 -4.75 -8.67
C ALA B 127 3.19 -3.32 -8.12
N ILE B 128 3.80 -3.17 -6.95
CA ILE B 128 3.92 -1.86 -6.30
C ILE B 128 4.84 -0.95 -7.10
N TRP B 129 6.00 -1.45 -7.50
CA TRP B 129 6.93 -0.63 -8.27
C TRP B 129 6.31 -0.22 -9.61
N LYS B 130 5.55 -1.10 -10.22
CA LYS B 130 4.90 -0.77 -11.49
C LYS B 130 3.86 0.31 -11.26
N GLN B 131 3.18 0.24 -10.13
CA GLN B 131 2.15 1.22 -9.79
C GLN B 131 2.76 2.61 -9.66
N LEU B 132 3.95 2.69 -9.07
CA LEU B 132 4.64 3.96 -8.88
C LEU B 132 5.50 4.36 -10.09
N GLY B 133 5.56 3.48 -11.08
CA GLY B 133 6.36 3.74 -12.27
C GLY B 133 7.85 3.71 -11.99
N LEU B 134 8.25 2.85 -11.05
CA LEU B 134 9.66 2.74 -10.67
C LEU B 134 10.28 1.38 -11.00
N TYR B 135 9.55 0.52 -11.69
CA TYR B 135 10.06 -0.80 -12.02
C TYR B 135 11.00 -0.81 -13.22
N THR B 136 12.27 -1.09 -12.97
CA THR B 136 13.25 -1.13 -14.05
C THR B 136 13.97 -2.48 -14.01
N ASP B 137 14.86 -2.71 -14.98
CA ASP B 137 15.59 -3.96 -15.01
C ASP B 137 16.45 -4.16 -13.77
N CYS B 138 16.85 -3.07 -13.13
CA CYS B 138 17.66 -3.17 -11.90
C CYS B 138 16.87 -3.93 -10.84
N GLU B 139 15.60 -3.56 -10.69
CA GLU B 139 14.75 -4.23 -9.71
C GLU B 139 14.46 -5.67 -10.12
N ALA B 140 14.28 -5.91 -11.42
CA ALA B 140 14.01 -7.27 -11.88
C ALA B 140 15.22 -8.14 -11.57
N LYS B 141 16.41 -7.63 -11.83
CA LYS B 141 17.63 -8.37 -11.55
C LYS B 141 17.76 -8.64 -10.05
N ALA B 142 17.44 -7.63 -9.25
CA ALA B 142 17.52 -7.75 -7.80
C ALA B 142 16.59 -8.83 -7.25
N VAL B 143 15.36 -8.88 -7.76
CA VAL B 143 14.42 -9.90 -7.31
C VAL B 143 14.93 -11.29 -7.69
N GLU B 144 15.47 -11.40 -8.90
CA GLU B 144 15.99 -12.67 -9.37
C GLU B 144 17.11 -13.16 -8.45
N LYS B 145 18.02 -12.25 -8.09
CA LYS B 145 19.14 -12.56 -7.22
C LYS B 145 18.63 -12.98 -5.83
N PHE B 146 17.63 -12.26 -5.33
CA PHE B 146 17.03 -12.54 -4.04
C PHE B 146 16.49 -13.97 -4.02
N LEU B 147 15.73 -14.32 -5.06
CA LEU B 147 15.16 -15.66 -5.15
C LEU B 147 16.23 -16.74 -5.26
N GLU B 148 17.32 -16.45 -5.98
CA GLU B 148 18.40 -17.42 -6.12
C GLU B 148 19.08 -17.70 -4.78
N ILE B 149 19.28 -16.66 -3.98
CA ILE B 149 19.93 -16.82 -2.68
C ILE B 149 19.13 -17.76 -1.78
N PHE B 150 17.79 -17.68 -1.85
CA PHE B 150 16.92 -18.52 -1.02
C PHE B 150 16.45 -19.84 -1.64
N LYS B 151 16.53 -19.92 -2.96
CA LYS B 151 16.05 -21.10 -3.71
C LYS B 151 16.24 -22.49 -3.12
N GLU B 152 17.45 -22.81 -2.69
CA GLU B 152 17.74 -24.14 -2.16
C GLU B 152 17.86 -24.23 -0.65
N GLU B 153 17.48 -23.16 0.05
CA GLU B 153 17.56 -23.15 1.51
C GLU B 153 16.31 -23.72 2.17
N THR B 154 16.49 -24.27 3.37
CA THR B 154 15.39 -24.83 4.16
C THR B 154 15.57 -24.29 5.57
N PHE B 155 14.46 -23.87 6.19
CA PHE B 155 14.53 -23.30 7.54
C PHE B 155 13.66 -24.02 8.56
N PRO B 156 14.28 -24.84 9.42
CA PRO B 156 13.51 -25.56 10.45
C PRO B 156 13.12 -24.60 11.57
N PRO B 157 12.16 -25.00 12.42
CA PRO B 157 11.75 -24.11 13.51
C PRO B 157 12.96 -23.69 14.34
N GLY B 158 13.01 -22.41 14.71
CA GLY B 158 14.13 -21.93 15.49
C GLY B 158 15.23 -21.28 14.68
N SER B 159 15.36 -21.65 13.41
CA SER B 159 16.38 -21.04 12.55
C SER B 159 15.93 -19.62 12.24
N SER B 160 16.87 -18.79 11.78
CA SER B 160 16.55 -17.40 11.48
C SER B 160 17.11 -16.90 10.15
N ILE B 161 16.39 -15.93 9.59
CA ILE B 161 16.78 -15.27 8.35
C ILE B 161 17.07 -13.85 8.81
N LEU B 162 18.25 -13.35 8.44
CA LEU B 162 18.68 -12.03 8.86
C LEU B 162 18.88 -11.07 7.69
N PHE B 163 18.29 -9.89 7.79
CA PHE B 163 18.40 -8.88 6.75
C PHE B 163 18.98 -7.59 7.30
N ALA B 164 20.02 -7.08 6.64
CA ALA B 164 20.62 -5.81 7.05
C ALA B 164 20.39 -4.86 5.87
N LEU B 165 19.80 -3.70 6.15
CA LEU B 165 19.53 -2.69 5.14
C LEU B 165 20.46 -1.51 5.40
N SER B 166 21.39 -1.25 4.48
CA SER B 166 22.33 -0.15 4.67
C SER B 166 21.67 1.21 4.46
N PRO B 167 22.33 2.29 4.93
CA PRO B 167 21.76 3.63 4.78
C PRO B 167 21.44 3.97 3.31
N THR B 168 22.19 3.38 2.38
CA THR B 168 22.00 3.64 0.96
C THR B 168 21.11 2.61 0.27
N GLY B 169 20.61 1.64 1.02
CA GLY B 169 19.72 0.67 0.41
C GLY B 169 20.30 -0.65 -0.05
N SER B 170 21.47 -1.05 0.48
CA SER B 170 22.04 -2.33 0.10
C SER B 170 21.48 -3.36 1.09
N LEU B 171 21.02 -4.48 0.55
CA LEU B 171 20.44 -5.53 1.38
C LEU B 171 21.39 -6.70 1.59
N THR B 172 21.82 -6.90 2.83
CA THR B 172 22.70 -8.01 3.14
C THR B 172 21.85 -9.13 3.74
N VAL B 173 22.00 -10.34 3.19
CA VAL B 173 21.24 -11.50 3.65
C VAL B 173 22.17 -12.46 4.39
N ALA B 174 21.71 -13.00 5.51
CA ALA B 174 22.49 -13.95 6.29
C ALA B 174 21.51 -14.92 6.96
N PHE B 175 22.01 -16.09 7.35
CA PHE B 175 21.19 -17.10 8.01
C PHE B 175 21.82 -17.56 9.30
N SER B 176 21.01 -18.14 10.19
CA SER B 176 21.50 -18.67 11.45
C SER B 176 20.66 -19.86 11.85
N LYS B 177 21.26 -20.82 12.55
CA LYS B 177 20.52 -22.00 12.98
C LYS B 177 19.70 -21.70 14.23
N ASP B 178 20.00 -20.59 14.88
CA ASP B 178 19.29 -20.21 16.11
C ASP B 178 19.11 -18.69 16.21
N ASP B 179 19.28 -18.15 17.41
CA ASP B 179 19.13 -16.72 17.62
C ASP B 179 20.44 -15.94 17.50
N SER B 180 21.55 -16.66 17.29
CA SER B 180 22.83 -15.98 17.18
C SER B 180 22.94 -15.21 15.86
N ILE B 181 23.70 -14.12 15.90
CA ILE B 181 23.90 -13.28 14.73
C ILE B 181 25.32 -13.50 14.21
N PRO B 182 25.47 -13.89 12.94
CA PRO B 182 26.83 -14.11 12.42
C PRO B 182 27.61 -12.81 12.28
N GLU B 183 28.93 -12.92 12.23
CA GLU B 183 29.77 -11.73 12.13
C GLU B 183 29.84 -11.17 10.72
N THR B 184 29.31 -11.91 9.74
CA THR B 184 29.32 -11.46 8.36
C THR B 184 28.13 -12.07 7.63
N GLY B 185 27.73 -11.46 6.52
CA GLY B 185 26.59 -11.99 5.77
C GLY B 185 26.98 -12.97 4.68
N ILE B 186 25.99 -13.40 3.90
CA ILE B 186 26.24 -14.33 2.81
C ILE B 186 26.40 -13.58 1.50
N ALA B 187 25.40 -12.76 1.17
CA ALA B 187 25.42 -12.01 -0.08
C ALA B 187 24.77 -10.65 0.10
N VAL B 188 25.10 -9.73 -0.80
CA VAL B 188 24.56 -8.39 -0.76
C VAL B 188 23.86 -8.07 -2.08
N ILE B 189 22.66 -7.49 -1.98
CA ILE B 189 21.91 -7.12 -3.18
C ILE B 189 21.86 -5.59 -3.17
N GLU B 190 22.54 -4.98 -4.14
CA GLU B 190 22.59 -3.53 -4.21
C GLU B 190 21.41 -2.91 -4.92
N ASN B 191 20.26 -2.91 -4.24
CA ASN B 191 19.04 -2.34 -4.80
C ASN B 191 18.18 -1.77 -3.68
N LYS B 192 18.09 -0.44 -3.66
CA LYS B 192 17.35 0.29 -2.64
C LYS B 192 15.87 -0.09 -2.55
N LEU B 193 15.19 -0.19 -3.69
CA LEU B 193 13.76 -0.54 -3.65
C LEU B 193 13.53 -1.94 -3.07
N LEU B 194 14.36 -2.92 -3.44
CA LEU B 194 14.17 -4.25 -2.88
C LEU B 194 14.45 -4.25 -1.38
N ALA B 195 15.54 -3.59 -0.98
CA ALA B 195 15.90 -3.52 0.43
C ALA B 195 14.73 -2.97 1.23
N GLU B 196 14.21 -1.83 0.80
CA GLU B 196 13.09 -1.21 1.49
C GLU B 196 11.84 -2.09 1.46
N ALA B 197 11.61 -2.76 0.34
CA ALA B 197 10.45 -3.63 0.20
C ALA B 197 10.42 -4.75 1.23
N VAL B 198 11.58 -5.28 1.58
CA VAL B 198 11.64 -6.34 2.56
C VAL B 198 11.12 -5.85 3.93
N LEU B 199 11.57 -4.67 4.34
CA LEU B 199 11.10 -4.14 5.63
C LEU B 199 9.64 -3.69 5.52
N GLU B 200 9.29 -3.09 4.38
CA GLU B 200 7.92 -2.62 4.15
C GLU B 200 6.94 -3.80 4.23
N SER B 201 7.37 -4.98 3.76
CA SER B 201 6.50 -6.15 3.76
C SER B 201 6.10 -6.58 5.17
N ILE B 202 6.85 -6.11 6.16
CA ILE B 202 6.56 -6.45 7.54
C ILE B 202 5.83 -5.34 8.31
N ILE B 203 6.40 -4.14 8.32
CA ILE B 203 5.81 -3.03 9.07
C ILE B 203 5.14 -1.94 8.26
N GLY B 204 5.08 -2.11 6.93
CA GLY B 204 4.43 -1.11 6.10
C GLY B 204 2.92 -1.20 6.18
N LYS B 205 2.24 -0.28 5.50
CA LYS B 205 0.79 -0.24 5.48
C LYS B 205 0.20 -1.58 5.03
N ASN B 206 0.85 -2.22 4.06
CA ASN B 206 0.37 -3.50 3.55
C ASN B 206 1.24 -4.63 4.10
N GLY B 207 1.86 -4.36 5.24
CA GLY B 207 2.71 -5.35 5.87
C GLY B 207 1.96 -6.54 6.42
N VAL B 208 2.71 -7.59 6.77
CA VAL B 208 2.14 -8.81 7.28
C VAL B 208 2.11 -8.94 8.80
N SER B 209 2.71 -7.99 9.52
CA SER B 209 2.73 -8.08 10.97
C SER B 209 2.23 -6.85 11.70
N PRO B 210 0.92 -6.80 12.03
CA PRO B 210 0.37 -5.65 12.74
C PRO B 210 1.07 -5.48 14.09
N GLY B 211 1.38 -6.60 14.75
CA GLY B 211 2.02 -6.55 16.04
C GLY B 211 3.40 -5.93 16.02
N THR B 212 4.18 -6.22 14.99
CA THR B 212 5.52 -5.65 14.91
C THR B 212 5.42 -4.15 14.66
N ARG B 213 4.50 -3.72 13.81
CA ARG B 213 4.35 -2.30 13.53
C ARG B 213 3.95 -1.59 14.83
N LEU B 214 2.98 -2.16 15.55
CA LEU B 214 2.53 -1.58 16.81
C LEU B 214 3.67 -1.47 17.82
N SER B 215 4.47 -2.52 17.92
CA SER B 215 5.59 -2.55 18.85
C SER B 215 6.58 -1.44 18.55
N VAL B 216 6.94 -1.29 17.27
CA VAL B 216 7.87 -0.24 16.86
C VAL B 216 7.28 1.12 17.19
N ALA B 217 5.99 1.31 16.90
CA ALA B 217 5.31 2.58 17.17
C ALA B 217 5.33 2.91 18.67
N GLU B 218 4.98 1.95 19.50
CA GLU B 218 4.96 2.17 20.94
C GLU B 218 6.33 2.51 21.51
N ARG B 219 7.34 1.76 21.10
CA ARG B 219 8.69 1.98 21.60
C ARG B 219 9.31 3.28 21.11
N LEU B 220 9.13 3.62 19.84
CA LEU B 220 9.68 4.87 19.31
C LEU B 220 8.94 6.07 19.91
N SER B 221 7.65 5.92 20.18
CA SER B 221 6.89 7.02 20.77
C SER B 221 7.54 7.39 22.10
N GLN B 222 7.91 6.38 22.88
CA GLN B 222 8.52 6.60 24.17
C GLN B 222 9.97 7.09 24.04
N LEU B 223 10.74 6.51 23.12
CA LEU B 223 12.12 6.92 22.94
C LEU B 223 12.25 8.38 22.49
N MET B 224 11.36 8.83 21.61
CA MET B 224 11.42 10.20 21.14
C MET B 224 11.09 11.22 22.23
N MET B 225 10.29 10.81 23.21
CA MET B 225 9.94 11.70 24.32
C MET B 225 11.14 11.91 25.25
N LYS B 226 12.03 10.93 25.27
CA LYS B 226 13.21 11.01 26.12
C LYS B 226 14.36 11.68 25.37
N ASN B 227 14.15 11.91 24.07
CA ASN B 227 15.16 12.54 23.23
C ASN B 227 15.50 13.93 23.73
N NO3 C . -11.38 -2.68 -10.29
O1 NO3 C . -10.26 -2.92 -9.86
O2 NO3 C . -11.80 -3.24 -11.29
O3 NO3 C . -12.08 -1.86 -9.70
N NO3 D . -12.52 -9.73 -10.32
O1 NO3 D . -11.42 -9.93 -10.81
O2 NO3 D . -13.16 -10.67 -9.88
O3 NO3 D . -12.97 -8.60 -10.26
N NO3 E . 5.81 -18.56 3.89
O1 NO3 E . 6.76 -17.86 4.22
O2 NO3 E . 5.95 -19.39 2.99
O3 NO3 E . 4.73 -18.45 4.46
N NO3 F . 8.12 -12.54 7.20
O1 NO3 F . 9.20 -12.02 6.89
O2 NO3 F . 8.10 -13.57 7.87
O3 NO3 F . 7.08 -12.03 6.85
#